data_5RZ4
#
_entry.id   5RZ4
#
_cell.length_a   38.420
_cell.length_b   77.320
_cell.length_c   99.700
_cell.angle_alpha   90.000
_cell.angle_beta   90.000
_cell.angle_gamma   90.000
#
_symmetry.space_group_name_H-M   'P 21 21 21'
#
loop_
_entity.id
_entity.type
_entity.pdbx_description
1 polymer 'Isoform 2 of Band 4.1-like protein 3'
2 non-polymer (2R)-1-{[(2,6-dichlorophenyl)methyl]amino}propan-2-ol
3 non-polymer 'DIMETHYL SULFOXIDE'
4 non-polymer 1,2-ETHANEDIOL
5 water water
#
_entity_poly.entity_id   1
_entity_poly.type   'polypeptide(L)'
_entity_poly.pdbx_seq_one_letter_code
;SMPKSMQCKVILLDGSEYTCDVEKRSRGQVLFDKVCEHLNLLEKDYFGLTYRDAENQKNWLDPAKEIKKQVRSGAWHFSF
NVKFYPPDPAQLSEDITRYYLCLQLRDDIVSGRLPCSFVTLALLGSYTVQSELGDYDPDECGSDYISEFRFAPNHTKELE
DKVIELHKSHRGMTPAEAEMHFLENAKKLSMYGVDLHHAKDSEGVEIMLGVCASGLLIYRDRLRINRFAWPKVLKISYKR
NNFYIKIRPGEFEQFESTIGFKLPNHRAAKRLWKVCVEHHTFFRLL
;
_entity_poly.pdbx_strand_id   A
#
# COMPACT_ATOMS: atom_id res chain seq x y z
N PRO A 3 -14.86 0.65 -33.70
CA PRO A 3 -14.92 0.55 -32.23
C PRO A 3 -13.97 1.56 -31.55
N LYS A 4 -14.51 2.53 -30.80
CA LYS A 4 -13.73 3.70 -30.33
C LYS A 4 -12.96 3.37 -29.05
N SER A 5 -11.65 3.69 -29.05
N SER A 5 -11.64 3.59 -29.07
CA SER A 5 -10.70 3.30 -27.98
CA SER A 5 -10.73 3.28 -27.95
C SER A 5 -10.12 4.53 -27.28
C SER A 5 -10.42 4.57 -27.19
N MET A 6 -9.93 4.42 -25.95
CA MET A 6 -9.44 5.52 -25.12
C MET A 6 -8.03 5.12 -24.71
N GLN A 7 -7.11 6.06 -24.81
CA GLN A 7 -5.73 5.85 -24.37
C GLN A 7 -5.71 5.87 -22.83
N CYS A 8 -5.05 4.90 -22.24
CA CYS A 8 -4.88 4.81 -20.77
C CYS A 8 -3.41 4.96 -20.46
N LYS A 9 -3.07 5.70 -19.42
CA LYS A 9 -1.68 5.78 -18.94
C LYS A 9 -1.66 5.33 -17.47
N VAL A 10 -0.71 4.45 -17.17
CA VAL A 10 -0.60 3.83 -15.83
C VAL A 10 0.80 4.02 -15.32
N ILE A 11 0.91 4.67 -14.18
CA ILE A 11 2.21 4.77 -13.49
C ILE A 11 2.45 3.43 -12.78
N LEU A 12 3.53 2.78 -13.12
CA LEU A 12 3.91 1.47 -12.55
C LEU A 12 4.72 1.70 -11.27
N LEU A 13 4.92 0.65 -10.50
CA LEU A 13 5.55 0.80 -9.17
C LEU A 13 7.03 1.12 -9.30
N ASP A 14 7.65 0.90 -10.47
CA ASP A 14 9.06 1.31 -10.68
C ASP A 14 9.10 2.77 -11.14
N GLY A 15 7.95 3.46 -11.20
CA GLY A 15 7.91 4.90 -11.61
C GLY A 15 7.77 5.07 -13.11
N SER A 16 7.89 4.02 -13.88
CA SER A 16 7.72 4.07 -15.37
C SER A 16 6.23 4.12 -15.74
N GLU A 17 5.93 4.48 -16.99
CA GLU A 17 4.55 4.75 -17.49
C GLU A 17 4.22 3.67 -18.52
N TYR A 18 3.17 2.90 -18.30
CA TYR A 18 2.59 1.97 -19.28
C TYR A 18 1.40 2.64 -19.99
N THR A 19 1.37 2.57 -21.31
CA THR A 19 0.31 3.16 -22.16
C THR A 19 -0.34 2.03 -22.92
N CYS A 20 -1.66 2.02 -22.98
CA CYS A 20 -2.46 1.10 -23.80
C CYS A 20 -3.76 1.77 -24.18
N ASP A 21 -4.52 1.11 -25.03
CA ASP A 21 -5.84 1.56 -25.49
C ASP A 21 -6.82 0.51 -25.02
N VAL A 22 -7.99 0.95 -24.56
CA VAL A 22 -9.17 0.07 -24.32
C VAL A 22 -10.41 0.70 -24.97
N GLU A 23 -11.39 -0.14 -25.29
CA GLU A 23 -12.67 0.34 -25.82
C GLU A 23 -13.31 1.27 -24.77
N LYS A 24 -13.91 2.38 -25.19
CA LYS A 24 -14.30 3.47 -24.26
C LYS A 24 -15.36 2.99 -23.24
N ARG A 25 -16.11 1.90 -23.49
CA ARG A 25 -17.15 1.35 -22.57
C ARG A 25 -16.57 0.20 -21.71
N SER A 26 -15.26 0.03 -21.73
CA SER A 26 -14.53 -1.07 -21.04
C SER A 26 -14.72 -0.94 -19.53
N ARG A 27 -14.90 -2.09 -18.90
CA ARG A 27 -14.88 -2.24 -17.42
C ARG A 27 -13.43 -2.20 -16.91
N GLY A 28 -13.23 -1.85 -15.63
CA GLY A 28 -11.86 -1.69 -15.10
C GLY A 28 -11.01 -2.94 -15.32
N GLN A 29 -11.63 -4.11 -15.24
CA GLN A 29 -10.90 -5.40 -15.30
C GLN A 29 -10.10 -5.47 -16.59
N VAL A 30 -10.65 -4.92 -17.69
CA VAL A 30 -9.99 -4.98 -19.02
C VAL A 30 -8.60 -4.35 -18.91
N LEU A 31 -8.55 -3.12 -18.38
CA LEU A 31 -7.27 -2.40 -18.25
C LEU A 31 -6.37 -3.10 -17.24
N PHE A 32 -6.92 -3.52 -16.13
CA PHE A 32 -6.14 -4.23 -15.07
C PHE A 32 -5.46 -5.47 -15.67
N ASP A 33 -6.19 -6.24 -16.49
CA ASP A 33 -5.68 -7.50 -17.09
C ASP A 33 -4.51 -7.15 -18.01
N LYS A 34 -4.63 -6.07 -18.79
CA LYS A 34 -3.54 -5.65 -19.69
C LYS A 34 -2.31 -5.26 -18.86
N VAL A 35 -2.50 -4.50 -17.78
CA VAL A 35 -1.36 -4.05 -16.97
C VAL A 35 -0.69 -5.28 -16.32
N CYS A 36 -1.46 -6.19 -15.74
CA CYS A 36 -0.88 -7.39 -15.10
C CYS A 36 -0.15 -8.26 -16.11
N GLU A 37 -0.68 -8.39 -17.32
CA GLU A 37 0.04 -9.15 -18.37
C GLU A 37 1.38 -8.46 -18.67
N HIS A 38 1.39 -7.14 -18.85
CA HIS A 38 2.63 -6.33 -19.04
C HIS A 38 3.63 -6.66 -17.95
N LEU A 39 3.15 -6.79 -16.70
CA LEU A 39 4.03 -6.95 -15.51
C LEU A 39 4.39 -8.43 -15.29
N ASN A 40 3.87 -9.37 -16.09
CA ASN A 40 4.05 -10.82 -15.85
C ASN A 40 3.54 -11.21 -14.44
N LEU A 41 2.43 -10.64 -14.03
CA LEU A 41 1.87 -10.84 -12.67
C LEU A 41 0.67 -11.78 -12.74
N LEU A 42 0.78 -12.92 -12.05
CA LEU A 42 -0.29 -13.94 -11.95
C LEU A 42 -1.10 -13.80 -10.67
N GLU A 43 -0.47 -13.44 -9.53
CA GLU A 43 -1.17 -13.31 -8.24
C GLU A 43 -1.76 -11.91 -8.17
N LYS A 44 -2.74 -11.67 -9.03
CA LYS A 44 -3.34 -10.34 -9.28
C LYS A 44 -4.23 -9.88 -8.13
N ASP A 45 -4.76 -10.80 -7.32
CA ASP A 45 -5.84 -10.48 -6.36
C ASP A 45 -5.39 -9.42 -5.35
N TYR A 46 -4.10 -9.27 -5.05
CA TYR A 46 -3.59 -8.31 -4.03
C TYR A 46 -3.49 -6.88 -4.59
N PHE A 47 -3.67 -6.68 -5.90
CA PHE A 47 -3.35 -5.40 -6.58
C PHE A 47 -4.60 -4.75 -7.15
N GLY A 48 -4.44 -3.51 -7.58
CA GLY A 48 -5.51 -2.73 -8.20
C GLY A 48 -4.96 -1.53 -8.90
N LEU A 49 -5.84 -0.81 -9.58
CA LEU A 49 -5.49 0.50 -10.15
C LEU A 49 -6.19 1.57 -9.33
N THR A 50 -5.50 2.69 -9.15
CA THR A 50 -6.06 3.90 -8.53
C THR A 50 -6.15 4.99 -9.60
N TYR A 51 -6.87 6.05 -9.29
CA TYR A 51 -6.87 7.34 -10.03
C TYR A 51 -7.18 8.45 -9.02
N ARG A 52 -6.92 9.71 -9.39
CA ARG A 52 -7.25 10.90 -8.57
C ARG A 52 -8.55 11.54 -9.12
N ASP A 53 -9.54 11.78 -8.25
CA ASP A 53 -10.95 12.15 -8.60
C ASP A 53 -11.06 13.67 -8.77
N ALA A 54 -12.27 14.22 -8.96
CA ALA A 54 -12.37 15.70 -9.16
C ALA A 54 -11.95 16.46 -7.91
N GLU A 55 -11.96 15.84 -6.73
CA GLU A 55 -11.44 16.40 -5.45
C GLU A 55 -9.96 16.03 -5.22
N ASN A 56 -9.29 15.40 -6.21
CA ASN A 56 -7.87 14.92 -6.13
C ASN A 56 -7.69 13.87 -5.01
N GLN A 57 -8.73 13.11 -4.69
CA GLN A 57 -8.57 12.01 -3.72
C GLN A 57 -8.31 10.71 -4.51
N LYS A 58 -7.46 9.86 -3.95
CA LYS A 58 -7.18 8.46 -4.42
C LYS A 58 -8.49 7.68 -4.39
N ASN A 59 -8.86 7.02 -5.49
CA ASN A 59 -9.98 6.07 -5.52
C ASN A 59 -9.46 4.79 -6.18
N TRP A 60 -9.94 3.65 -5.72
CA TRP A 60 -9.70 2.38 -6.42
C TRP A 60 -10.61 2.32 -7.65
N LEU A 61 -10.04 1.95 -8.78
CA LEU A 61 -10.83 1.63 -9.98
C LEU A 61 -11.52 0.29 -9.71
N ASP A 62 -12.86 0.30 -9.74
CA ASP A 62 -13.67 -0.92 -9.56
C ASP A 62 -13.64 -1.71 -10.84
N PRO A 63 -13.04 -2.92 -10.83
CA PRO A 63 -12.85 -3.67 -12.07
C PRO A 63 -14.16 -4.15 -12.69
N ALA A 64 -15.20 -4.18 -11.88
CA ALA A 64 -16.53 -4.64 -12.36
C ALA A 64 -17.39 -3.49 -12.89
N LYS A 65 -16.90 -2.25 -12.90
CA LYS A 65 -17.66 -1.07 -13.37
C LYS A 65 -16.97 -0.45 -14.57
N GLU A 66 -17.74 0.24 -15.40
CA GLU A 66 -17.16 0.92 -16.57
C GLU A 66 -16.12 1.95 -16.06
N ILE A 67 -15.03 2.04 -16.76
CA ILE A 67 -13.94 3.00 -16.44
C ILE A 67 -14.50 4.43 -16.55
N LYS A 68 -15.19 4.72 -17.66
CA LYS A 68 -15.72 6.08 -17.94
C LYS A 68 -16.66 6.53 -16.80
N LYS A 69 -17.41 5.61 -16.18
CA LYS A 69 -18.34 5.96 -15.08
C LYS A 69 -17.63 6.19 -13.75
N GLN A 70 -16.33 5.96 -13.68
CA GLN A 70 -15.53 6.22 -12.45
C GLN A 70 -14.66 7.44 -12.66
N VAL A 71 -13.91 7.52 -13.76
CA VAL A 71 -13.01 8.66 -14.02
C VAL A 71 -13.86 9.87 -14.44
N ARG A 72 -15.04 9.60 -15.00
CA ARG A 72 -16.06 10.64 -15.33
C ARG A 72 -15.38 11.74 -16.15
N SER A 73 -15.15 12.92 -15.58
CA SER A 73 -14.70 14.10 -16.35
C SER A 73 -13.17 14.12 -16.44
N GLY A 74 -12.48 13.27 -15.67
CA GLY A 74 -11.03 13.36 -15.47
C GLY A 74 -10.28 12.60 -16.52
N ALA A 75 -8.95 12.68 -16.50
CA ALA A 75 -8.09 11.99 -17.50
C ALA A 75 -8.06 10.49 -17.20
N TRP A 76 -7.78 9.69 -18.21
CA TRP A 76 -7.66 8.22 -18.05
C TRP A 76 -6.22 7.89 -17.64
N HIS A 77 -5.93 8.32 -16.41
CA HIS A 77 -4.60 8.29 -15.81
C HIS A 77 -4.73 7.53 -14.48
N PHE A 78 -3.90 6.54 -14.33
CA PHE A 78 -4.01 5.57 -13.21
C PHE A 78 -2.64 5.29 -12.61
N SER A 79 -2.63 4.71 -11.40
CA SER A 79 -1.45 4.09 -10.81
C SER A 79 -1.75 2.62 -10.50
N PHE A 80 -0.75 1.80 -10.66
CA PHE A 80 -0.78 0.39 -10.24
C PHE A 80 -0.27 0.27 -8.82
N ASN A 81 -1.06 -0.36 -7.96
CA ASN A 81 -0.81 -0.32 -6.51
C ASN A 81 -1.16 -1.66 -5.87
N VAL A 82 -0.57 -1.87 -4.68
CA VAL A 82 -1.05 -2.96 -3.81
C VAL A 82 -2.36 -2.46 -3.16
N LYS A 83 -3.41 -3.27 -3.26
CA LYS A 83 -4.72 -3.00 -2.61
C LYS A 83 -4.82 -3.74 -1.27
N PHE A 84 -4.47 -5.00 -1.26
CA PHE A 84 -4.58 -5.85 -0.05
C PHE A 84 -3.19 -6.32 0.32
N TYR A 85 -2.64 -5.82 1.43
CA TYR A 85 -1.25 -6.16 1.81
C TYR A 85 -1.28 -7.49 2.53
N PRO A 86 -0.62 -8.52 2.01
CA PRO A 86 -0.68 -9.84 2.65
C PRO A 86 -0.01 -9.82 4.00
N PRO A 87 -0.65 -10.36 5.04
CA PRO A 87 -0.04 -10.39 6.36
C PRO A 87 1.21 -11.28 6.37
N ASP A 88 1.24 -12.32 5.54
CA ASP A 88 2.41 -13.22 5.50
C ASP A 88 2.87 -13.37 4.06
N PRO A 89 3.73 -12.42 3.60
CA PRO A 89 4.20 -12.46 2.21
C PRO A 89 4.99 -13.73 1.85
N ALA A 90 5.49 -14.48 2.84
CA ALA A 90 6.20 -15.76 2.55
C ALA A 90 5.21 -16.76 1.94
N GLN A 91 3.91 -16.58 2.14
CA GLN A 91 2.88 -17.55 1.65
C GLN A 91 2.48 -17.21 0.22
N LEU A 92 2.92 -16.08 -0.33
CA LEU A 92 2.72 -15.83 -1.79
C LEU A 92 3.45 -16.88 -2.64
N SER A 93 2.82 -17.29 -3.75
CA SER A 93 3.32 -18.40 -4.60
C SER A 93 4.52 -17.93 -5.41
N GLU A 94 4.61 -16.64 -5.82
CA GLU A 94 5.67 -16.25 -6.77
C GLU A 94 6.52 -15.11 -6.22
N ASP A 95 7.81 -15.21 -6.51
CA ASP A 95 8.83 -14.19 -6.21
C ASP A 95 8.36 -12.88 -6.85
N ILE A 96 7.82 -12.91 -8.06
CA ILE A 96 7.56 -11.62 -8.76
C ILE A 96 6.47 -10.87 -8.00
N THR A 97 5.57 -11.57 -7.33
CA THR A 97 4.51 -10.93 -6.53
C THR A 97 5.20 -10.20 -5.38
N ARG A 98 6.12 -10.91 -4.75
CA ARG A 98 6.86 -10.31 -3.61
C ARG A 98 7.64 -9.07 -4.08
N TYR A 99 8.17 -9.12 -5.29
CA TYR A 99 8.96 -8.01 -5.89
C TYR A 99 8.07 -6.77 -5.98
N TYR A 100 6.89 -6.90 -6.58
CA TYR A 100 5.94 -5.76 -6.71
C TYR A 100 5.53 -5.26 -5.34
N LEU A 101 5.26 -6.20 -4.39
CA LEU A 101 4.93 -5.77 -3.01
C LEU A 101 6.10 -4.98 -2.40
N CYS A 102 7.35 -5.39 -2.62
CA CYS A 102 8.52 -4.61 -2.15
C CYS A 102 8.51 -3.23 -2.81
N LEU A 103 8.28 -3.15 -4.14
CA LEU A 103 8.28 -1.82 -4.79
C LEU A 103 7.23 -0.92 -4.11
N GLN A 104 6.05 -1.44 -3.82
CA GLN A 104 4.99 -0.61 -3.21
C GLN A 104 5.46 -0.12 -1.85
N LEU A 105 5.98 -1.04 -1.04
CA LEU A 105 6.43 -0.72 0.32
C LEU A 105 7.56 0.29 0.29
N ARG A 106 8.46 0.22 -0.69
CA ARG A 106 9.52 1.25 -0.82
C ARG A 106 8.88 2.63 -0.99
N ASP A 107 7.81 2.75 -1.76
CA ASP A 107 7.12 4.05 -1.96
C ASP A 107 6.34 4.42 -0.71
N ASP A 108 5.76 3.44 -0.01
CA ASP A 108 5.07 3.71 1.26
C ASP A 108 6.07 4.32 2.24
N ILE A 109 7.30 3.83 2.24
CA ILE A 109 8.33 4.33 3.17
C ILE A 109 8.79 5.72 2.75
N VAL A 110 9.18 5.92 1.49
CA VAL A 110 9.78 7.22 1.04
C VAL A 110 8.73 8.33 1.20
N SER A 111 7.47 8.01 0.93
CA SER A 111 6.31 8.94 1.02
C SER A 111 5.99 9.31 2.47
N GLY A 112 6.49 8.54 3.45
CA GLY A 112 6.14 8.65 4.89
C GLY A 112 4.80 8.06 5.28
N ARG A 113 4.06 7.40 4.38
CA ARG A 113 2.83 6.66 4.77
C ARG A 113 3.14 5.50 5.72
N LEU A 114 4.35 4.95 5.62
CA LEU A 114 4.75 3.80 6.48
C LEU A 114 5.91 4.24 7.37
N PRO A 115 5.63 4.72 8.59
CA PRO A 115 6.70 5.18 9.46
C PRO A 115 7.58 3.99 9.82
N CYS A 116 8.86 4.27 10.08
N CYS A 116 8.90 4.25 9.86
CA CYS A 116 9.89 3.24 10.22
CA CYS A 116 9.94 3.27 10.23
C CYS A 116 11.07 3.80 11.02
C CYS A 116 10.91 3.91 11.22
N SER A 117 11.56 3.07 12.03
CA SER A 117 12.76 3.46 12.81
C SER A 117 13.95 3.60 11.86
N PHE A 118 14.94 4.36 12.29
CA PHE A 118 16.25 4.49 11.61
C PHE A 118 16.79 3.11 11.23
N VAL A 119 16.87 2.19 12.20
CA VAL A 119 17.52 0.88 11.97
C VAL A 119 16.70 0.10 10.97
N THR A 120 15.36 0.10 11.06
CA THR A 120 14.58 -0.65 10.06
C THR A 120 14.68 0.03 8.70
N LEU A 121 14.70 1.36 8.60
CA LEU A 121 14.98 2.02 7.29
C LEU A 121 16.29 1.50 6.70
N ALA A 122 17.35 1.42 7.49
CA ALA A 122 18.68 0.95 7.02
C ALA A 122 18.62 -0.53 6.63
N LEU A 123 17.90 -1.34 7.39
CA LEU A 123 17.84 -2.80 7.12
C LEU A 123 17.05 -3.01 5.83
N LEU A 124 15.91 -2.34 5.69
CA LEU A 124 15.14 -2.50 4.44
C LEU A 124 16.01 -2.01 3.26
N GLY A 125 16.61 -0.82 3.35
CA GLY A 125 17.50 -0.32 2.28
C GLY A 125 18.56 -1.35 1.92
N SER A 126 19.21 -1.93 2.92
CA SER A 126 20.30 -2.93 2.68
C SER A 126 19.81 -4.14 1.89
N TYR A 127 18.60 -4.63 2.12
CA TYR A 127 18.03 -5.74 1.35
C TYR A 127 17.75 -5.32 -0.08
N THR A 128 17.16 -4.16 -0.27
CA THR A 128 16.93 -3.65 -1.64
C THR A 128 18.26 -3.58 -2.41
N VAL A 129 19.28 -2.98 -1.80
CA VAL A 129 20.61 -2.82 -2.47
C VAL A 129 21.12 -4.24 -2.78
N GLN A 130 21.00 -5.16 -1.84
CA GLN A 130 21.53 -6.53 -2.06
C GLN A 130 20.80 -7.21 -3.22
N SER A 131 19.48 -7.07 -3.29
N SER A 131 19.48 -7.03 -3.32
CA SER A 131 18.67 -7.69 -4.37
CA SER A 131 18.62 -7.68 -4.34
C SER A 131 19.10 -7.13 -5.73
C SER A 131 18.92 -7.11 -5.73
N GLU A 132 19.20 -5.80 -5.83
CA GLU A 132 19.31 -5.11 -7.14
C GLU A 132 20.76 -4.99 -7.59
N LEU A 133 21.73 -4.85 -6.68
CA LEU A 133 23.17 -4.72 -7.07
C LEU A 133 23.92 -6.01 -6.81
N GLY A 134 23.42 -6.88 -5.92
CA GLY A 134 24.16 -8.07 -5.48
C GLY A 134 25.18 -7.71 -4.42
N ASP A 135 26.23 -8.53 -4.28
CA ASP A 135 27.20 -8.42 -3.17
C ASP A 135 27.86 -7.05 -3.08
N TYR A 136 28.10 -6.59 -1.86
CA TYR A 136 28.76 -5.30 -1.59
C TYR A 136 30.12 -5.26 -2.29
N ASP A 137 30.40 -4.15 -2.95
CA ASP A 137 31.73 -3.80 -3.53
C ASP A 137 32.20 -2.46 -2.95
N PRO A 138 33.36 -2.46 -2.28
CA PRO A 138 33.97 -1.21 -1.79
C PRO A 138 34.35 -0.23 -2.90
N ASP A 139 34.69 -0.73 -4.10
CA ASP A 139 35.20 0.06 -5.26
C ASP A 139 34.27 1.23 -5.53
N GLU A 140 32.95 0.97 -5.51
CA GLU A 140 31.90 1.93 -5.94
C GLU A 140 31.63 2.99 -4.86
N CYS A 141 31.86 2.64 -3.58
N CYS A 141 31.93 2.69 -3.59
CA CYS A 141 31.44 3.42 -2.39
CA CYS A 141 31.65 3.59 -2.42
C CYS A 141 32.66 3.76 -1.51
C CYS A 141 32.90 3.84 -1.57
N GLY A 142 33.05 5.04 -1.51
N GLY A 142 33.10 5.10 -1.17
CA GLY A 142 34.03 5.60 -0.55
CA GLY A 142 33.97 5.50 -0.05
C GLY A 142 33.35 5.88 0.78
C GLY A 142 33.11 6.02 1.09
N SER A 143 34.05 6.56 1.70
N SER A 143 31.79 5.92 0.93
CA SER A 143 33.52 6.96 3.03
CA SER A 143 30.75 6.47 1.83
C SER A 143 32.44 8.03 2.85
C SER A 143 29.37 6.41 1.17
N ASP A 144 32.29 8.56 1.62
N ASP A 144 29.31 6.37 -0.17
CA ASP A 144 31.37 9.68 1.30
CA ASP A 144 28.05 6.53 -0.96
C ASP A 144 30.28 9.22 0.33
C ASP A 144 28.22 6.14 -2.44
N TYR A 145 29.97 7.93 0.30
N TYR A 145 28.31 4.84 -2.76
CA TYR A 145 28.99 7.34 -0.66
CA TYR A 145 28.16 4.34 -4.16
C TYR A 145 27.56 7.75 -0.28
C TYR A 145 26.71 4.54 -4.60
N ILE A 146 26.81 8.24 -1.27
N ILE A 146 25.81 3.71 -4.04
CA ILE A 146 25.33 8.47 -1.19
CA ILE A 146 24.32 3.82 -4.11
C ILE A 146 24.67 7.71 -2.34
C ILE A 146 23.95 5.10 -4.84
N SER A 147 23.88 6.68 -2.03
N SER A 147 24.19 6.26 -4.19
CA SER A 147 23.16 5.82 -3.00
CA SER A 147 23.97 7.62 -4.72
C SER A 147 22.20 6.68 -3.83
C SER A 147 22.81 7.60 -5.72
N GLU A 148 21.87 6.22 -5.04
N GLU A 148 21.72 6.91 -5.36
CA GLU A 148 20.79 6.77 -5.90
CA GLU A 148 20.52 6.74 -6.22
C GLU A 148 19.43 6.27 -5.38
C GLU A 148 19.33 6.25 -5.40
N PHE A 149 19.44 5.11 -4.69
CA PHE A 149 18.25 4.49 -4.07
C PHE A 149 17.71 5.47 -3.02
N ARG A 150 16.40 5.57 -3.02
CA ARG A 150 15.58 6.37 -2.08
C ARG A 150 15.12 5.38 -1.01
N PHE A 151 15.49 5.66 0.21
CA PHE A 151 15.31 4.73 1.36
C PHE A 151 14.35 5.28 2.38
N ALA A 152 14.09 6.59 2.40
CA ALA A 152 13.41 7.20 3.55
C ALA A 152 12.85 8.54 3.13
N PRO A 153 11.89 9.08 3.88
CA PRO A 153 11.31 10.38 3.57
C PRO A 153 12.38 11.47 3.73
N ASN A 154 13.35 11.24 4.62
CA ASN A 154 14.50 12.18 4.84
C ASN A 154 15.81 11.39 4.91
N HIS A 155 16.69 11.63 3.94
CA HIS A 155 18.02 10.97 3.90
C HIS A 155 19.04 11.71 4.75
N THR A 156 19.82 10.94 5.49
CA THR A 156 21.00 11.45 6.24
C THR A 156 22.21 10.65 5.82
N LYS A 157 23.38 11.26 5.98
CA LYS A 157 24.65 10.54 5.78
C LYS A 157 24.70 9.30 6.67
N GLU A 158 24.26 9.43 7.93
CA GLU A 158 24.29 8.33 8.93
C GLU A 158 23.42 7.16 8.43
N LEU A 159 22.28 7.46 7.79
CA LEU A 159 21.40 6.39 7.25
C LEU A 159 22.13 5.71 6.09
N GLU A 160 22.74 6.48 5.20
CA GLU A 160 23.51 5.90 4.07
C GLU A 160 24.61 4.98 4.58
N ASP A 161 25.34 5.41 5.61
CA ASP A 161 26.44 4.66 6.25
C ASP A 161 25.88 3.32 6.76
N LYS A 162 24.70 3.36 7.38
CA LYS A 162 24.14 2.15 8.02
C LYS A 162 23.66 1.18 6.96
N VAL A 163 23.03 1.66 5.87
CA VAL A 163 22.66 0.79 4.72
C VAL A 163 23.93 0.05 4.26
N ILE A 164 25.04 0.74 4.11
CA ILE A 164 26.29 0.13 3.58
C ILE A 164 26.78 -0.89 4.59
N GLU A 165 26.79 -0.57 5.89
CA GLU A 165 27.29 -1.53 6.90
C GLU A 165 26.47 -2.83 6.86
N LEU A 166 25.13 -2.73 6.74
CA LEU A 166 24.24 -3.92 6.71
C LEU A 166 24.39 -4.64 5.36
N HIS A 167 24.60 -3.88 4.29
CA HIS A 167 24.75 -4.45 2.94
C HIS A 167 25.98 -5.38 2.96
N LYS A 168 27.01 -4.98 3.68
CA LYS A 168 28.24 -5.81 3.75
C LYS A 168 27.89 -7.18 4.32
N SER A 169 26.93 -7.26 5.25
CA SER A 169 26.61 -8.49 6.02
C SER A 169 25.79 -9.45 5.14
N HIS A 170 25.28 -9.02 3.98
CA HIS A 170 24.37 -9.85 3.15
C HIS A 170 25.11 -10.57 1.99
N ARG A 171 26.44 -10.67 2.05
CA ARG A 171 27.18 -11.30 0.91
C ARG A 171 26.63 -12.72 0.65
N GLY A 172 26.39 -13.05 -0.62
CA GLY A 172 25.90 -14.38 -1.03
C GLY A 172 24.40 -14.42 -1.16
N MET A 173 23.71 -13.35 -0.75
CA MET A 173 22.23 -13.40 -0.68
C MET A 173 21.67 -13.15 -2.07
N THR A 174 20.71 -13.95 -2.51
CA THR A 174 20.13 -13.83 -3.86
C THR A 174 18.91 -12.90 -3.79
N PRO A 175 18.45 -12.41 -4.96
CA PRO A 175 17.40 -11.38 -4.99
C PRO A 175 16.09 -11.77 -4.33
N ALA A 176 15.54 -12.95 -4.62
CA ALA A 176 14.27 -13.37 -4.00
C ALA A 176 14.51 -13.50 -2.51
N GLU A 177 15.69 -14.00 -2.10
CA GLU A 177 16.02 -14.18 -0.66
C GLU A 177 16.03 -12.80 0.05
N ALA A 178 16.65 -11.80 -0.57
CA ALA A 178 16.79 -10.45 0.00
C ALA A 178 15.39 -9.83 0.07
N GLU A 179 14.61 -9.98 -1.00
CA GLU A 179 13.23 -9.41 -1.03
C GLU A 179 12.37 -10.08 0.05
N MET A 180 12.54 -11.39 0.27
CA MET A 180 11.79 -12.07 1.36
C MET A 180 12.21 -11.46 2.71
N HIS A 181 13.51 -11.22 2.93
CA HIS A 181 13.96 -10.59 4.20
C HIS A 181 13.36 -9.19 4.31
N PHE A 182 13.36 -8.46 3.19
CA PHE A 182 12.76 -7.10 3.20
C PHE A 182 11.35 -7.22 3.77
N LEU A 183 10.56 -8.12 3.20
CA LEU A 183 9.16 -8.29 3.55
C LEU A 183 8.97 -8.82 4.96
N GLU A 184 9.80 -9.74 5.43
CA GLU A 184 9.70 -10.27 6.82
C GLU A 184 9.91 -9.15 7.83
N ASN A 185 10.72 -8.12 7.52
CA ASN A 185 10.90 -6.94 8.40
C ASN A 185 9.71 -5.97 8.22
N ALA A 186 9.37 -5.66 6.97
CA ALA A 186 8.35 -4.62 6.67
C ALA A 186 7.00 -5.04 7.26
N LYS A 187 6.65 -6.33 7.21
CA LYS A 187 5.31 -6.80 7.59
C LYS A 187 5.08 -6.57 9.08
N LYS A 188 6.14 -6.36 9.86
CA LYS A 188 6.03 -6.23 11.34
C LYS A 188 5.77 -4.79 11.76
N LEU A 189 5.92 -3.83 10.85
CA LEU A 189 5.78 -2.39 11.15
C LEU A 189 4.32 -2.11 11.51
N SER A 190 4.11 -1.31 12.53
CA SER A 190 2.75 -1.08 13.09
C SER A 190 1.81 -0.49 12.03
N MET A 191 2.30 0.19 11.00
CA MET A 191 1.44 0.79 9.93
C MET A 191 1.49 0.00 8.60
N TYR A 192 2.10 -1.17 8.59
CA TYR A 192 2.12 -2.04 7.38
C TYR A 192 0.71 -2.30 6.86
N GLY A 193 0.50 -1.91 5.61
CA GLY A 193 -0.76 -2.15 4.87
C GLY A 193 -1.95 -1.42 5.47
N VAL A 194 -1.73 -0.38 6.25
CA VAL A 194 -2.87 0.36 6.89
C VAL A 194 -3.23 1.53 5.99
N ASP A 195 -4.47 1.56 5.52
CA ASP A 195 -5.01 2.69 4.73
C ASP A 195 -5.64 3.64 5.74
N LEU A 196 -5.16 4.88 5.85
CA LEU A 196 -5.58 5.83 6.93
C LEU A 196 -6.56 6.85 6.39
N HIS A 197 -7.63 7.10 7.15
CA HIS A 197 -8.71 8.03 6.78
C HIS A 197 -8.92 9.00 7.93
N HIS A 198 -8.83 10.31 7.69
CA HIS A 198 -9.23 11.34 8.67
C HIS A 198 -10.73 11.23 8.99
N ALA A 199 -11.10 11.35 10.26
CA ALA A 199 -12.50 11.31 10.71
C ALA A 199 -12.65 12.01 12.06
N LYS A 200 -13.88 12.14 12.52
CA LYS A 200 -14.20 12.61 13.89
C LYS A 200 -15.10 11.58 14.53
N ASP A 201 -15.02 11.42 15.86
CA ASP A 201 -15.90 10.44 16.55
C ASP A 201 -17.25 11.11 16.75
N SER A 202 -18.21 10.35 17.31
CA SER A 202 -19.61 10.80 17.59
C SER A 202 -19.62 12.04 18.48
N GLU A 203 -18.47 12.45 19.03
CA GLU A 203 -18.32 13.65 19.89
C GLU A 203 -17.52 14.76 19.20
N GLY A 204 -17.13 14.61 17.94
CA GLY A 204 -16.36 15.66 17.22
C GLY A 204 -14.86 15.64 17.49
N VAL A 205 -14.30 14.62 18.14
CA VAL A 205 -12.82 14.56 18.38
C VAL A 205 -12.18 14.00 17.10
N GLU A 206 -11.12 14.65 16.62
CA GLU A 206 -10.30 14.22 15.46
C GLU A 206 -9.71 12.84 15.76
N ILE A 207 -9.92 11.89 14.86
CA ILE A 207 -9.33 10.55 14.99
C ILE A 207 -8.86 10.17 13.60
N MET A 208 -8.13 9.06 13.52
CA MET A 208 -7.84 8.40 12.23
C MET A 208 -8.45 7.00 12.25
N LEU A 209 -9.01 6.58 11.13
CA LEU A 209 -9.51 5.20 10.95
C LEU A 209 -8.55 4.47 10.00
N GLY A 210 -8.02 3.34 10.43
CA GLY A 210 -7.06 2.59 9.61
C GLY A 210 -7.71 1.32 9.12
N VAL A 211 -7.59 1.04 7.84
CA VAL A 211 -8.20 -0.15 7.26
C VAL A 211 -7.06 -1.13 6.93
N CYS A 212 -7.17 -2.35 7.41
CA CYS A 212 -6.08 -3.32 7.15
C CYS A 212 -6.61 -4.73 7.34
N ALA A 213 -5.74 -5.68 7.10
CA ALA A 213 -6.08 -7.13 7.19
C ALA A 213 -6.73 -7.43 8.53
N SER A 214 -6.20 -6.86 9.60
CA SER A 214 -6.56 -7.27 10.98
C SER A 214 -7.85 -6.57 11.43
N GLY A 215 -8.36 -5.59 10.68
CA GLY A 215 -9.67 -5.00 11.00
C GLY A 215 -9.72 -3.50 10.78
N LEU A 216 -10.59 -2.84 11.49
CA LEU A 216 -10.66 -1.37 11.47
C LEU A 216 -9.98 -0.86 12.73
N LEU A 217 -8.97 -0.02 12.57
CA LEU A 217 -8.22 0.55 13.73
C LEU A 217 -8.71 1.97 13.95
N ILE A 218 -8.80 2.38 15.21
CA ILE A 218 -9.19 3.77 15.56
C ILE A 218 -8.01 4.35 16.31
N TYR A 219 -7.40 5.40 15.75
CA TYR A 219 -6.27 6.15 16.32
C TYR A 219 -6.78 7.49 16.86
N ARG A 220 -6.51 7.78 18.14
CA ARG A 220 -6.95 9.03 18.81
C ARG A 220 -5.72 9.89 19.10
N ASP A 221 -4.69 9.27 19.67
CA ASP A 221 -3.33 9.86 19.81
C ASP A 221 -2.37 8.69 20.04
N ARG A 222 -1.48 8.78 21.04
CA ARG A 222 -0.47 7.73 21.34
C ARG A 222 -0.99 6.88 22.52
N LEU A 223 -2.10 7.29 23.15
CA LEU A 223 -2.86 6.48 24.14
C LEU A 223 -4.21 6.09 23.55
N ARG A 224 -4.59 4.80 23.68
CA ARG A 224 -5.90 4.22 23.33
C ARG A 224 -6.03 4.10 21.80
N ILE A 225 -5.40 3.07 21.21
CA ILE A 225 -5.69 2.58 19.83
C ILE A 225 -6.71 1.44 19.96
N ASN A 226 -7.96 1.72 19.57
CA ASN A 226 -9.07 0.72 19.56
C ASN A 226 -9.02 -0.03 18.22
N ARG A 227 -9.50 -1.26 18.20
CA ARG A 227 -9.48 -2.14 17.01
C ARG A 227 -10.76 -2.98 16.95
N PHE A 228 -11.32 -3.13 15.74
CA PHE A 228 -12.48 -3.99 15.46
C PHE A 228 -12.01 -4.99 14.42
N ALA A 229 -11.74 -6.22 14.85
CA ALA A 229 -11.38 -7.32 13.94
C ALA A 229 -12.56 -7.55 13.00
N TRP A 230 -12.28 -7.85 11.75
CA TRP A 230 -13.33 -7.95 10.70
C TRP A 230 -14.44 -8.92 11.10
N PRO A 231 -14.14 -10.10 11.71
CA PRO A 231 -15.21 -11.05 12.02
C PRO A 231 -16.26 -10.44 12.96
N LYS A 232 -15.89 -9.49 13.82
CA LYS A 232 -16.86 -8.85 14.75
C LYS A 232 -17.79 -7.92 13.99
N VAL A 233 -17.42 -7.53 12.77
CA VAL A 233 -18.15 -6.48 12.02
C VAL A 233 -19.22 -7.17 11.17
N LEU A 234 -20.52 -6.95 11.45
CA LEU A 234 -21.61 -7.61 10.69
C LEU A 234 -22.09 -6.76 9.51
N LYS A 235 -21.94 -5.44 9.60
CA LYS A 235 -22.46 -4.51 8.59
C LYS A 235 -21.67 -3.21 8.63
N ILE A 236 -21.32 -2.75 7.45
CA ILE A 236 -20.68 -1.43 7.27
C ILE A 236 -21.64 -0.61 6.41
N SER A 237 -21.83 0.65 6.75
CA SER A 237 -22.77 1.51 6.01
C SER A 237 -22.32 2.97 6.06
N TYR A 238 -22.91 3.78 5.20
CA TYR A 238 -22.65 5.23 5.20
C TYR A 238 -23.98 5.92 4.93
N LYS A 239 -24.09 7.16 5.41
CA LYS A 239 -25.29 8.03 5.24
C LYS A 239 -24.83 9.48 5.32
N ARG A 240 -24.99 10.23 4.23
CA ARG A 240 -24.47 11.63 4.11
C ARG A 240 -22.97 11.59 4.47
N ASN A 241 -22.51 12.35 5.47
CA ASN A 241 -21.05 12.46 5.77
C ASN A 241 -20.66 11.46 6.86
N ASN A 242 -21.54 10.52 7.19
CA ASN A 242 -21.35 9.60 8.34
C ASN A 242 -21.06 8.17 7.86
N PHE A 243 -20.23 7.49 8.64
CA PHE A 243 -19.83 6.10 8.40
C PHE A 243 -20.16 5.33 9.68
N TYR A 244 -20.79 4.15 9.51
CA TYR A 244 -21.24 3.29 10.64
C TYR A 244 -20.71 1.87 10.50
N ILE A 245 -20.30 1.29 11.64
CA ILE A 245 -20.04 -0.17 11.71
C ILE A 245 -21.03 -0.83 12.68
N LYS A 246 -21.65 -1.94 12.27
CA LYS A 246 -22.50 -2.75 13.19
C LYS A 246 -21.63 -3.92 13.69
N ILE A 247 -21.42 -3.92 15.01
CA ILE A 247 -20.65 -4.93 15.79
C ILE A 247 -21.58 -6.05 16.32
N ARG A 248 -21.15 -7.29 16.17
CA ARG A 248 -21.82 -8.48 16.77
C ARG A 248 -22.12 -8.20 18.23
N PRO A 249 -23.27 -8.65 18.80
CA PRO A 249 -23.42 -8.63 20.26
C PRO A 249 -22.28 -9.45 20.91
N GLY A 250 -21.69 -8.93 21.98
CA GLY A 250 -20.76 -9.71 22.82
C GLY A 250 -21.47 -10.88 23.51
N GLU A 251 -20.72 -11.84 24.05
CA GLU A 251 -21.34 -13.00 24.73
C GLU A 251 -22.28 -12.46 25.81
N PHE A 252 -23.49 -13.00 25.88
CA PHE A 252 -24.49 -12.69 26.93
C PHE A 252 -25.02 -11.26 26.78
N GLU A 253 -24.70 -10.54 25.70
CA GLU A 253 -25.25 -9.19 25.48
C GLU A 253 -26.54 -9.34 24.67
N GLN A 254 -27.56 -8.51 24.96
CA GLN A 254 -28.84 -8.67 24.27
C GLN A 254 -28.74 -8.10 22.84
N PHE A 255 -28.02 -6.99 22.67
CA PHE A 255 -28.08 -6.15 21.43
C PHE A 255 -26.70 -6.01 20.76
N GLU A 256 -26.75 -5.98 19.44
CA GLU A 256 -25.64 -5.54 18.55
C GLU A 256 -25.29 -4.11 18.96
N SER A 257 -24.14 -3.57 18.54
CA SER A 257 -23.87 -2.14 18.81
C SER A 257 -23.45 -1.47 17.48
N THR A 258 -23.97 -0.27 17.19
CA THR A 258 -23.58 0.48 15.95
C THR A 258 -22.67 1.61 16.38
N ILE A 259 -21.51 1.79 15.71
CA ILE A 259 -20.56 2.89 16.04
C ILE A 259 -20.41 3.78 14.79
N GLY A 260 -20.58 5.07 15.01
CA GLY A 260 -20.78 6.10 13.98
C GLY A 260 -19.59 7.06 13.97
N PHE A 261 -19.14 7.46 12.77
CA PHE A 261 -18.03 8.43 12.63
C PHE A 261 -18.40 9.49 11.57
N LYS A 262 -17.81 10.67 11.70
CA LYS A 262 -17.99 11.81 10.77
C LYS A 262 -16.79 11.84 9.82
N LEU A 263 -17.05 11.82 8.52
CA LEU A 263 -15.98 11.94 7.50
C LEU A 263 -15.98 13.34 6.89
N PRO A 264 -14.87 13.72 6.20
CA PRO A 264 -14.72 15.05 5.60
C PRO A 264 -15.90 15.49 4.73
N ASN A 265 -16.57 14.56 4.05
CA ASN A 265 -17.69 14.81 3.12
C ASN A 265 -18.30 13.46 2.76
N HIS A 266 -19.29 13.45 1.91
CA HIS A 266 -20.04 12.23 1.53
C HIS A 266 -19.19 11.24 0.72
N ARG A 267 -18.39 11.77 -0.21
CA ARG A 267 -17.46 10.96 -1.04
C ARG A 267 -16.51 10.20 -0.14
N ALA A 268 -15.98 10.87 0.90
CA ALA A 268 -15.00 10.27 1.82
C ALA A 268 -15.67 9.17 2.62
N ALA A 269 -16.92 9.36 3.05
CA ALA A 269 -17.66 8.30 3.78
C ALA A 269 -17.87 7.10 2.84
N LYS A 270 -18.27 7.33 1.58
CA LYS A 270 -18.54 6.24 0.61
C LYS A 270 -17.23 5.50 0.32
N ARG A 271 -16.14 6.23 0.17
CA ARG A 271 -14.78 5.67 -0.11
C ARG A 271 -14.35 4.78 1.05
N LEU A 272 -14.55 5.23 2.27
CA LEU A 272 -14.13 4.43 3.45
C LEU A 272 -15.01 3.19 3.56
N TRP A 273 -16.32 3.33 3.33
CA TRP A 273 -17.25 2.18 3.34
C TRP A 273 -16.75 1.13 2.33
N LYS A 274 -16.44 1.55 1.11
CA LYS A 274 -16.10 0.61 0.01
C LYS A 274 -14.82 -0.15 0.38
N VAL A 275 -13.79 0.54 0.86
CA VAL A 275 -12.49 -0.14 1.15
C VAL A 275 -12.67 -1.08 2.35
N CYS A 276 -13.52 -0.75 3.33
CA CYS A 276 -13.77 -1.62 4.50
C CYS A 276 -14.49 -2.89 4.05
N VAL A 277 -15.54 -2.73 3.25
CA VAL A 277 -16.31 -3.89 2.71
C VAL A 277 -15.34 -4.79 1.94
N GLU A 278 -14.49 -4.20 1.09
CA GLU A 278 -13.56 -5.00 0.27
C GLU A 278 -12.57 -5.74 1.17
N HIS A 279 -12.00 -5.07 2.17
CA HIS A 279 -11.06 -5.72 3.11
C HIS A 279 -11.77 -6.85 3.83
N HIS A 280 -12.96 -6.60 4.33
CA HIS A 280 -13.75 -7.60 5.11
C HIS A 280 -13.90 -8.86 4.26
N THR A 281 -14.30 -8.70 3.02
CA THR A 281 -14.51 -9.86 2.11
C THR A 281 -13.17 -10.54 1.83
N PHE A 282 -12.15 -9.78 1.48
CA PHE A 282 -10.87 -10.34 1.03
C PHE A 282 -10.26 -11.15 2.17
N PHE A 283 -10.21 -10.56 3.36
CA PHE A 283 -9.49 -11.22 4.46
C PHE A 283 -10.37 -12.27 5.13
N ARG A 284 -11.71 -12.22 5.01
CA ARG A 284 -12.58 -13.40 5.33
C ARG A 284 -12.16 -14.61 4.49
N LEU A 285 -11.74 -14.43 3.23
CA LEU A 285 -11.57 -15.54 2.27
C LEU A 285 -10.12 -16.00 2.19
N LEU A 286 -9.17 -15.10 2.46
CA LEU A 286 -7.75 -15.32 2.13
C LEU A 286 -7.24 -16.55 2.88
#